data_6JS9
#
_entry.id   6JS9
#
_cell.length_a   65.120
_cell.length_b   65.120
_cell.length_c   181.980
_cell.angle_alpha   90.00
_cell.angle_beta   90.00
_cell.angle_gamma   120.00
#
_symmetry.space_group_name_H-M   'P 31 1 2'
#
loop_
_entity.id
_entity.type
_entity.pdbx_description
1 polymer 'Hypothetical membrane protein'
2 non-polymer 'PROTOPORPHYRIN IX CONTAINING FE'
3 water water
#
_entity_poly.entity_id   1
_entity_poly.type   'polypeptide(L)'
_entity_poly.pdbx_seq_one_letter_code
;MQTEYRTASDGSLNWGFRQSFRNYIQTGVAKGSITLGDGASDNGGNFAFTPRTNGTTVTSDSQGTVEFNGSVHFLGHQAE
DKWILDTTMSDIKMVFNGSSAQLVVDLVAREFKGTTYDDIGEYIISDDIVLADVSLNSAADFSQDSIDLSGTTDLTAAGA
QAFGGFYETGEALDPTGGSLTISSTLEHHHHHH
;
_entity_poly.pdbx_strand_id   A,B
#
loop_
_chem_comp.id
_chem_comp.type
_chem_comp.name
_chem_comp.formula
HEM non-polymer 'PROTOPORPHYRIN IX CONTAINING FE' 'C34 H32 Fe N4 O4'
#
# COMPACT_ATOMS: atom_id res chain seq x y z
N TYR A 5 -37.66 14.64 32.58
CA TYR A 5 -37.17 14.25 31.25
C TYR A 5 -36.10 15.23 30.75
N ARG A 6 -34.92 14.72 30.43
CA ARG A 6 -33.82 15.54 29.92
C ARG A 6 -33.30 14.94 28.62
N THR A 7 -32.95 15.80 27.66
CA THR A 7 -32.53 15.31 26.36
C THR A 7 -31.49 16.23 25.76
N ALA A 8 -30.56 15.65 24.98
CA ALA A 8 -29.53 16.39 24.26
C ALA A 8 -30.17 17.01 23.03
N SER A 9 -30.41 18.32 23.06
CA SER A 9 -31.17 18.98 22.00
C SER A 9 -30.30 19.77 21.02
N ASP A 10 -29.00 19.88 21.26
CA ASP A 10 -28.12 20.63 20.35
C ASP A 10 -26.67 20.34 20.69
N GLY A 11 -25.78 20.80 19.82
CA GLY A 11 -24.36 20.57 19.96
C GLY A 11 -23.90 19.49 19.02
N SER A 12 -22.68 18.99 19.26
CA SER A 12 -22.14 17.94 18.41
C SER A 12 -20.98 17.23 19.09
N LEU A 13 -20.86 15.95 18.79
CA LEU A 13 -19.63 15.22 19.04
C LEU A 13 -18.71 15.42 17.84
N ASN A 14 -17.50 15.90 18.10
CA ASN A 14 -16.50 16.16 17.07
C ASN A 14 -15.40 15.12 17.24
N TRP A 15 -15.27 14.20 16.26
CA TRP A 15 -14.31 13.10 16.38
C TRP A 15 -14.09 12.47 15.02
N GLY A 16 -12.86 12.48 14.53
CA GLY A 16 -12.55 11.88 13.25
C GLY A 16 -11.84 10.55 13.36
N PHE A 17 -12.15 9.79 14.42
CA PHE A 17 -11.56 8.48 14.71
C PHE A 17 -10.06 8.60 15.02
N ARG A 18 -9.24 8.79 13.99
CA ARG A 18 -7.79 8.86 14.19
C ARG A 18 -7.13 9.49 12.97
N GLN A 19 -6.41 10.60 13.18
CA GLN A 19 -5.91 11.36 12.03
C GLN A 19 -5.01 10.51 11.14
N SER A 20 -4.17 9.66 11.74
CA SER A 20 -3.28 8.84 10.92
C SER A 20 -4.06 7.89 10.03
N PHE A 21 -5.22 7.42 10.49
CA PHE A 21 -6.06 6.60 9.63
C PHE A 21 -6.64 7.41 8.48
N ARG A 22 -7.18 8.61 8.79
CA ARG A 22 -7.70 9.45 7.71
C ARG A 22 -6.62 9.76 6.68
N ASN A 23 -5.38 10.00 7.15
CA ASN A 23 -4.28 10.27 6.25
C ASN A 23 -3.91 9.02 5.46
N TYR A 24 -3.83 7.88 6.15
CA TYR A 24 -3.60 6.60 5.50
C TYR A 24 -4.59 6.39 4.35
N ILE A 25 -5.87 6.67 4.58
CA ILE A 25 -6.91 6.48 3.58
C ILE A 25 -6.77 7.49 2.44
N GLN A 26 -6.55 8.76 2.77
CA GLN A 26 -6.70 9.83 1.79
C GLN A 26 -5.41 10.13 1.04
N THR A 27 -4.26 10.08 1.70
CA THR A 27 -2.99 10.39 1.05
C THR A 27 -1.96 9.26 1.12
N GLY A 28 -2.21 8.20 1.89
CA GLY A 28 -1.26 7.12 2.03
C GLY A 28 -1.55 5.96 1.10
N VAL A 29 -1.09 4.77 1.50
CA VAL A 29 -1.06 3.62 0.60
C VAL A 29 -2.46 3.10 0.27
N ALA A 30 -3.48 3.40 1.08
CA ALA A 30 -4.84 2.95 0.79
C ALA A 30 -5.41 3.61 -0.47
N LYS A 31 -5.03 4.87 -0.73
CA LYS A 31 -5.46 5.61 -1.91
C LYS A 31 -6.97 5.48 -2.14
N GLY A 32 -7.74 5.88 -1.13
CA GLY A 32 -9.18 5.77 -1.19
C GLY A 32 -9.87 7.08 -0.86
N SER A 33 -11.01 6.98 -0.15
CA SER A 33 -11.84 8.15 0.12
C SER A 33 -12.56 7.98 1.45
N ILE A 34 -13.00 9.11 2.01
CA ILE A 34 -13.87 9.15 3.19
C ILE A 34 -15.15 9.87 2.78
N THR A 35 -16.30 9.27 3.10
CA THR A 35 -17.59 9.86 2.77
C THR A 35 -18.48 9.88 4.01
N LEU A 36 -19.00 11.06 4.34
CA LEU A 36 -19.89 11.23 5.47
C LEU A 36 -21.34 11.21 4.99
N GLY A 37 -22.23 10.65 5.81
CA GLY A 37 -23.63 10.63 5.49
C GLY A 37 -24.49 10.87 6.72
N ASP A 38 -25.81 10.91 6.48
CA ASP A 38 -26.82 10.94 7.53
C ASP A 38 -26.64 12.13 8.49
N GLY A 39 -26.13 13.25 7.99
CA GLY A 39 -26.02 14.47 8.77
C GLY A 39 -24.66 14.79 9.33
N ALA A 40 -23.72 13.85 9.30
CA ALA A 40 -22.36 14.13 9.76
C ALA A 40 -21.70 15.19 8.89
N SER A 41 -20.86 16.03 9.52
CA SER A 41 -20.15 17.12 8.86
C SER A 41 -18.66 16.93 9.06
N ASP A 42 -17.88 17.54 8.15
CA ASP A 42 -16.44 17.31 8.14
C ASP A 42 -15.74 18.00 9.30
N ASN A 43 -16.07 19.29 9.54
CA ASN A 43 -15.53 20.06 10.66
C ASN A 43 -14.01 19.90 10.77
N GLY A 44 -13.35 19.96 9.61
CA GLY A 44 -11.90 19.96 9.52
C GLY A 44 -11.24 18.61 9.66
N GLY A 45 -11.98 17.51 9.52
CA GLY A 45 -11.48 16.18 9.82
C GLY A 45 -11.88 15.68 11.19
N ASN A 46 -12.37 16.57 12.05
CA ASN A 46 -12.93 16.20 13.33
C ASN A 46 -14.45 16.09 13.19
N PHE A 47 -14.83 15.00 12.54
CA PHE A 47 -16.20 14.77 12.10
C PHE A 47 -17.23 15.11 13.17
N ALA A 48 -18.23 15.90 12.79
CA ALA A 48 -19.23 16.44 13.71
C ALA A 48 -20.54 15.66 13.57
N PHE A 49 -21.00 15.06 14.66
CA PHE A 49 -22.24 14.30 14.72
C PHE A 49 -23.22 14.99 15.67
N THR A 50 -24.48 15.25 15.17
CA THR A 50 -25.49 15.93 15.97
C THR A 50 -26.30 14.92 16.78
N PRO A 51 -26.79 15.30 17.98
CA PRO A 51 -27.61 14.38 18.77
C PRO A 51 -28.95 14.11 18.10
N ARG A 52 -29.39 12.86 18.17
CA ARG A 52 -30.65 12.46 17.54
C ARG A 52 -31.85 12.80 18.42
N THR A 53 -32.90 13.35 17.80
CA THR A 53 -34.14 13.56 18.54
C THR A 53 -34.59 12.24 19.14
N ASN A 54 -35.12 12.30 20.35
CA ASN A 54 -35.39 11.16 21.23
C ASN A 54 -34.16 10.30 21.50
N GLY A 55 -32.97 10.76 21.13
CA GLY A 55 -31.81 9.91 21.25
C GLY A 55 -31.15 9.89 22.61
N THR A 56 -31.72 10.52 23.63
CA THR A 56 -31.06 10.63 24.93
C THR A 56 -31.81 9.80 25.98
N THR A 57 -31.07 8.94 26.67
CA THR A 57 -31.60 8.15 27.78
C THR A 57 -30.74 8.47 28.99
N VAL A 58 -31.38 8.91 30.07
CA VAL A 58 -30.65 9.29 31.28
C VAL A 58 -31.08 8.37 32.41
N THR A 59 -30.13 7.64 32.98
CA THR A 59 -30.41 6.78 34.13
C THR A 59 -30.02 7.42 35.46
N SER A 60 -29.14 8.40 35.44
CA SER A 60 -28.66 9.07 36.64
C SER A 60 -28.00 10.34 36.16
N ASP A 61 -27.79 11.30 37.07
CA ASP A 61 -27.15 12.55 36.67
C ASP A 61 -25.88 12.29 35.86
N SER A 62 -25.06 11.33 36.31
CA SER A 62 -23.75 11.07 35.70
C SER A 62 -23.75 9.90 34.73
N GLN A 63 -24.89 9.27 34.45
CA GLN A 63 -24.91 8.16 33.50
C GLN A 63 -26.06 8.32 32.53
N GLY A 64 -25.78 8.00 31.28
CA GLY A 64 -26.80 8.05 30.24
C GLY A 64 -26.15 7.78 28.91
N THR A 65 -27.00 7.67 27.88
CA THR A 65 -26.53 7.46 26.51
C THR A 65 -27.10 8.50 25.57
N VAL A 66 -26.28 9.02 24.66
CA VAL A 66 -26.76 9.92 23.62
C VAL A 66 -26.48 9.30 22.26
N GLU A 67 -27.54 9.11 21.47
CA GLU A 67 -27.40 8.61 20.11
C GLU A 67 -27.26 9.80 19.17
N PHE A 68 -26.43 9.62 18.13
CA PHE A 68 -26.07 10.70 17.20
C PHE A 68 -26.50 10.36 15.78
N ASN A 69 -26.76 11.40 15.00
CA ASN A 69 -26.92 11.27 13.56
C ASN A 69 -25.56 11.23 12.89
N GLY A 70 -25.42 10.37 11.90
CA GLY A 70 -24.28 10.43 11.01
C GLY A 70 -23.66 9.07 10.74
N SER A 71 -22.91 8.99 9.65
CA SER A 71 -22.15 7.79 9.32
C SER A 71 -20.84 8.20 8.64
N VAL A 72 -19.85 7.31 8.69
CA VAL A 72 -18.55 7.50 8.03
C VAL A 72 -18.26 6.26 7.21
N HIS A 73 -17.91 6.45 5.94
CA HIS A 73 -17.62 5.34 5.03
C HIS A 73 -16.18 5.43 4.54
N PHE A 74 -15.33 4.51 5.00
CA PHE A 74 -13.93 4.43 4.58
C PHE A 74 -13.76 3.45 3.42
N LEU A 75 -13.08 3.88 2.38
CA LEU A 75 -12.74 3.04 1.24
C LEU A 75 -11.24 3.07 1.05
N GLY A 76 -10.64 1.91 0.79
CA GLY A 76 -9.23 1.86 0.46
C GLY A 76 -8.88 0.62 -0.34
N HIS A 77 -7.73 0.69 -1.01
CA HIS A 77 -7.13 -0.48 -1.67
C HIS A 77 -8.03 -1.02 -2.79
N GLN A 78 -8.18 -0.20 -3.82
CA GLN A 78 -8.99 -0.62 -4.95
C GLN A 78 -8.28 -1.72 -5.72
N ALA A 79 -8.89 -2.90 -5.74
CA ALA A 79 -8.36 -4.04 -6.47
C ALA A 79 -9.42 -4.50 -7.46
N GLU A 80 -9.09 -4.42 -8.75
CA GLU A 80 -10.06 -4.68 -9.83
C GLU A 80 -11.21 -3.71 -9.65
N ASP A 81 -12.44 -4.16 -9.42
CA ASP A 81 -13.57 -3.26 -9.25
C ASP A 81 -14.07 -3.20 -7.81
N LYS A 82 -13.43 -3.92 -6.90
CA LYS A 82 -13.78 -3.91 -5.49
C LYS A 82 -12.80 -3.05 -4.70
N TRP A 83 -13.19 -2.68 -3.49
CA TRP A 83 -12.30 -2.04 -2.53
C TRP A 83 -12.01 -3.03 -1.42
N ILE A 84 -10.74 -3.32 -1.20
CA ILE A 84 -10.39 -4.34 -0.21
C ILE A 84 -10.59 -3.83 1.21
N LEU A 85 -10.34 -2.54 1.46
CA LEU A 85 -10.75 -1.90 2.70
C LEU A 85 -12.09 -1.20 2.42
N ASP A 86 -13.16 -1.68 3.05
CA ASP A 86 -14.50 -1.10 2.87
C ASP A 86 -15.20 -1.18 4.23
N THR A 87 -15.08 -0.11 5.03
CA THR A 87 -15.61 -0.04 6.38
C THR A 87 -16.58 1.13 6.50
N THR A 88 -17.77 0.83 7.00
CA THR A 88 -18.80 1.83 7.26
C THR A 88 -19.14 1.84 8.75
N MET A 89 -19.06 3.03 9.34
CA MET A 89 -19.32 3.24 10.75
C MET A 89 -20.59 4.05 10.87
N SER A 90 -21.57 3.54 11.64
CA SER A 90 -22.85 4.22 11.82
C SER A 90 -23.39 3.96 13.22
N ASP A 91 -24.56 4.53 13.50
CA ASP A 91 -25.24 4.41 14.80
C ASP A 91 -24.29 4.72 15.94
N ILE A 92 -23.64 5.87 15.84
CA ILE A 92 -22.68 6.31 16.85
C ILE A 92 -23.44 6.71 18.11
N LYS A 93 -22.97 6.21 19.26
CA LYS A 93 -23.53 6.49 20.57
C LYS A 93 -22.42 6.83 21.53
N MET A 94 -22.71 7.71 22.48
CA MET A 94 -21.79 7.98 23.57
C MET A 94 -22.47 7.60 24.88
N VAL A 95 -21.85 6.69 25.63
CA VAL A 95 -22.37 6.20 26.90
C VAL A 95 -21.53 6.81 28.02
N PHE A 96 -22.16 7.63 28.87
CA PHE A 96 -21.44 8.40 29.88
C PHE A 96 -21.50 7.73 31.24
N ASN A 97 -20.38 7.79 31.96
CA ASN A 97 -20.28 7.35 33.36
C ASN A 97 -19.36 8.36 34.07
N GLY A 98 -19.92 9.50 34.46
CA GLY A 98 -19.13 10.54 35.10
C GLY A 98 -18.03 11.13 34.21
N SER A 99 -16.78 11.01 34.65
CA SER A 99 -15.62 11.45 33.89
C SER A 99 -15.19 10.44 32.82
N SER A 100 -15.93 9.34 32.65
CA SER A 100 -15.66 8.32 31.65
C SER A 100 -16.82 8.23 30.67
N ALA A 101 -16.50 7.83 29.43
CA ALA A 101 -17.50 7.54 28.42
C ALA A 101 -16.99 6.40 27.53
N GLN A 102 -17.91 5.79 26.80
CA GLN A 102 -17.59 4.85 25.74
C GLN A 102 -18.18 5.33 24.43
N LEU A 103 -17.44 5.16 23.35
CA LEU A 103 -17.93 5.45 22.00
C LEU A 103 -18.35 4.14 21.36
N VAL A 104 -19.64 4.00 21.06
CA VAL A 104 -20.21 2.76 20.54
C VAL A 104 -20.67 3.00 19.11
N VAL A 105 -20.39 2.04 18.21
CA VAL A 105 -20.73 2.16 16.81
C VAL A 105 -21.26 0.83 16.29
N ASP A 106 -21.99 0.91 15.18
CA ASP A 106 -22.25 -0.24 14.34
C ASP A 106 -21.24 -0.21 13.20
N LEU A 107 -20.69 -1.37 12.87
CA LEU A 107 -19.70 -1.46 11.82
C LEU A 107 -20.17 -2.45 10.77
N VAL A 108 -19.97 -2.09 9.51
CA VAL A 108 -20.08 -3.01 8.39
C VAL A 108 -18.76 -2.92 7.64
N ALA A 109 -17.96 -3.99 7.70
CA ALA A 109 -16.57 -3.87 7.32
C ALA A 109 -16.07 -5.18 6.71
N ARG A 110 -15.34 -5.05 5.60
CA ARG A 110 -14.64 -6.23 5.08
C ARG A 110 -13.61 -6.70 6.09
N GLU A 111 -13.58 -8.02 6.31
CA GLU A 111 -12.52 -8.63 7.09
C GLU A 111 -11.16 -8.38 6.44
N PHE A 112 -10.15 -8.12 7.26
CA PHE A 112 -8.79 -7.97 6.76
C PHE A 112 -8.20 -9.36 6.51
N LYS A 113 -7.73 -9.61 5.28
CA LYS A 113 -7.27 -10.95 4.92
C LYS A 113 -5.76 -11.05 4.78
N GLY A 114 -5.03 -9.94 4.90
CA GLY A 114 -3.61 -9.94 4.63
C GLY A 114 -3.23 -8.77 3.73
N THR A 115 -1.94 -8.43 3.69
CA THR A 115 -1.49 -7.29 2.90
C THR A 115 -1.10 -7.71 1.50
N THR A 116 -2.07 -8.31 0.80
CA THR A 116 -1.97 -8.57 -0.63
C THR A 116 -3.28 -8.21 -1.30
N TYR A 117 -3.20 -7.94 -2.60
CA TYR A 117 -4.40 -7.69 -3.39
C TYR A 117 -4.91 -8.98 -4.06
N ASP A 118 -4.44 -10.14 -3.61
CA ASP A 118 -4.86 -11.45 -4.13
C ASP A 118 -6.08 -11.99 -3.41
N ASP A 119 -6.65 -11.22 -2.48
CA ASP A 119 -7.69 -11.74 -1.61
C ASP A 119 -8.45 -10.56 -1.01
N ILE A 120 -9.72 -10.80 -0.73
CA ILE A 120 -10.62 -9.75 -0.25
C ILE A 120 -11.55 -10.39 0.77
N GLY A 121 -11.89 -9.62 1.81
CA GLY A 121 -12.78 -10.10 2.83
C GLY A 121 -14.25 -9.86 2.50
N GLU A 122 -15.10 -10.74 3.02
CA GLU A 122 -16.53 -10.51 2.98
C GLU A 122 -16.90 -9.49 4.06
N TYR A 123 -18.07 -8.87 3.89
CA TYR A 123 -18.54 -7.90 4.87
C TYR A 123 -18.87 -8.61 6.19
N ILE A 124 -18.39 -8.05 7.30
CA ILE A 124 -18.75 -8.51 8.64
C ILE A 124 -19.62 -7.44 9.28
N ILE A 125 -20.78 -7.83 9.78
CA ILE A 125 -21.65 -6.94 10.51
C ILE A 125 -21.31 -7.02 11.99
N SER A 126 -20.88 -5.91 12.58
CA SER A 126 -20.55 -5.85 14.00
C SER A 126 -21.41 -4.75 14.61
N ASP A 127 -22.51 -5.14 15.24
CA ASP A 127 -23.40 -4.18 15.88
C ASP A 127 -22.93 -3.92 17.30
N ASP A 128 -23.13 -2.67 17.75
CA ASP A 128 -22.96 -2.29 19.17
C ASP A 128 -21.56 -2.59 19.67
N ILE A 129 -20.56 -2.25 18.87
CA ILE A 129 -19.17 -2.49 19.23
C ILE A 129 -18.68 -1.29 20.03
N VAL A 130 -18.11 -1.55 21.20
CA VAL A 130 -17.44 -0.46 21.91
C VAL A 130 -16.11 -0.21 21.22
N LEU A 131 -16.01 0.89 20.49
CA LEU A 131 -14.84 1.18 19.70
C LEU A 131 -13.73 1.85 20.51
N ALA A 132 -14.09 2.68 21.48
CA ALA A 132 -13.10 3.46 22.23
C ALA A 132 -13.62 3.76 23.62
N ASP A 133 -12.71 3.80 24.58
CA ASP A 133 -12.94 4.35 25.91
C ASP A 133 -12.49 5.79 25.93
N VAL A 134 -13.27 6.65 26.60
CA VAL A 134 -13.02 8.09 26.63
C VAL A 134 -12.75 8.51 28.06
N SER A 135 -11.72 9.32 28.27
CA SER A 135 -11.44 9.94 29.55
C SER A 135 -11.79 11.41 29.39
N LEU A 136 -12.95 11.80 29.92
CA LEU A 136 -13.48 13.15 29.73
C LEU A 136 -12.74 14.15 30.61
N ASN A 137 -12.53 15.36 30.05
CA ASN A 137 -11.93 16.46 30.82
C ASN A 137 -12.78 16.83 32.03
N SER A 138 -14.11 16.81 31.90
CA SER A 138 -15.01 17.13 33.00
C SER A 138 -16.05 16.02 33.15
N ALA A 139 -16.57 15.88 34.36
CA ALA A 139 -17.60 14.87 34.60
C ALA A 139 -18.88 15.25 33.84
N ALA A 140 -19.47 14.28 33.16
CA ALA A 140 -20.78 14.50 32.57
C ALA A 140 -21.84 14.60 33.67
N ASP A 141 -22.71 15.59 33.57
CA ASP A 141 -23.77 15.81 34.55
C ASP A 141 -25.03 16.21 33.77
N PHE A 142 -25.95 15.26 33.58
CA PHE A 142 -27.15 15.52 32.79
C PHE A 142 -28.12 16.46 33.50
N SER A 143 -27.92 16.77 34.78
CA SER A 143 -28.74 17.80 35.40
C SER A 143 -28.26 19.22 35.09
N GLN A 144 -27.11 19.37 34.44
N GLN A 144 -27.11 19.35 34.43
CA GLN A 144 -26.66 20.70 34.07
CA GLN A 144 -26.60 20.65 34.04
C GLN A 144 -27.09 21.01 32.64
C GLN A 144 -27.04 20.99 32.61
N ASP A 145 -26.85 22.26 32.24
CA ASP A 145 -27.33 22.72 30.94
C ASP A 145 -26.44 22.28 29.79
N SER A 146 -25.27 21.72 30.07
CA SER A 146 -24.39 21.30 28.99
C SER A 146 -23.46 20.19 29.45
N ILE A 147 -22.94 19.45 28.49
CA ILE A 147 -21.95 18.41 28.75
C ILE A 147 -20.78 18.64 27.79
N ASP A 148 -19.58 18.81 28.35
CA ASP A 148 -18.37 18.97 27.55
C ASP A 148 -17.88 17.59 27.12
N LEU A 149 -17.81 17.37 25.81
CA LEU A 149 -17.40 16.08 25.25
C LEU A 149 -15.88 15.96 25.08
N SER A 150 -15.12 16.96 25.51
CA SER A 150 -13.67 16.95 25.31
C SER A 150 -12.99 15.92 26.22
N GLY A 151 -12.12 15.11 25.62
CA GLY A 151 -11.38 14.11 26.37
C GLY A 151 -10.46 13.31 25.45
N THR A 152 -9.71 12.40 26.06
CA THR A 152 -8.79 11.53 25.34
C THR A 152 -9.42 10.15 25.19
N THR A 153 -8.96 9.41 24.17
CA THR A 153 -9.59 8.16 23.76
C THR A 153 -8.57 7.05 23.59
N ASP A 154 -8.97 5.84 24.00
CA ASP A 154 -8.20 4.61 23.85
C ASP A 154 -9.01 3.61 23.04
N LEU A 155 -8.36 2.98 22.06
CA LEU A 155 -8.97 1.93 21.26
C LEU A 155 -9.13 0.63 22.05
N THR A 156 -10.27 -0.02 21.86
CA THR A 156 -10.53 -1.29 22.54
C THR A 156 -9.94 -2.45 21.76
N ALA A 157 -9.88 -3.60 22.45
CA ALA A 157 -9.43 -4.83 21.80
C ALA A 157 -10.26 -5.12 20.55
N ALA A 158 -11.59 -5.01 20.67
CA ALA A 158 -12.46 -5.32 19.55
C ALA A 158 -12.31 -4.30 18.43
N GLY A 159 -12.10 -3.03 18.77
CA GLY A 159 -11.87 -2.02 17.75
C GLY A 159 -10.58 -2.26 16.98
N ALA A 160 -9.52 -2.66 17.69
CA ALA A 160 -8.28 -2.98 17.01
C ALA A 160 -8.47 -4.13 16.04
N GLN A 161 -9.23 -5.14 16.45
CA GLN A 161 -9.52 -6.28 15.57
C GLN A 161 -10.36 -5.85 14.38
N ALA A 162 -11.36 -4.99 14.62
CA ALA A 162 -12.21 -4.51 13.53
C ALA A 162 -11.43 -3.69 12.50
N PHE A 163 -10.30 -3.12 12.88
CA PHE A 163 -9.49 -2.36 11.96
C PHE A 163 -8.22 -3.11 11.58
N GLY A 164 -8.35 -4.42 11.37
CA GLY A 164 -7.30 -5.23 10.76
C GLY A 164 -6.15 -5.62 11.66
N GLY A 165 -6.22 -5.31 12.96
CA GLY A 165 -5.14 -5.66 13.86
C GLY A 165 -3.89 -4.83 13.71
N PHE A 166 -3.96 -3.71 12.98
CA PHE A 166 -2.80 -2.85 12.80
C PHE A 166 -2.51 -2.01 14.04
N TYR A 167 -3.55 -1.59 14.76
CA TYR A 167 -3.41 -0.94 16.04
C TYR A 167 -3.37 -1.98 17.16
N GLU A 168 -2.68 -1.65 18.23
CA GLU A 168 -2.69 -2.46 19.45
C GLU A 168 -3.84 -2.04 20.34
N THR A 169 -4.36 -2.99 21.12
CA THR A 169 -5.35 -2.66 22.13
C THR A 169 -4.85 -1.52 23.02
N GLY A 170 -5.74 -0.58 23.30
CA GLY A 170 -5.40 0.54 24.15
C GLY A 170 -4.73 1.69 23.44
N GLU A 171 -4.56 1.60 22.12
CA GLU A 171 -3.87 2.66 21.39
C GLU A 171 -4.70 3.95 21.43
N ALA A 172 -3.98 5.07 21.55
CA ALA A 172 -4.66 6.36 21.53
C ALA A 172 -5.26 6.63 20.16
N LEU A 173 -6.44 7.22 20.16
CA LEU A 173 -7.09 7.67 18.95
C LEU A 173 -7.18 9.19 19.02
N ASP A 174 -7.92 9.80 18.11
CA ASP A 174 -8.11 11.24 18.19
C ASP A 174 -8.82 11.55 19.50
N PRO A 175 -8.50 12.67 20.16
CA PRO A 175 -9.32 13.09 21.31
C PRO A 175 -10.72 13.45 20.86
N THR A 176 -11.68 13.30 21.78
CA THR A 176 -13.04 13.75 21.48
C THR A 176 -13.16 15.23 21.78
N GLY A 177 -14.08 15.89 21.06
CA GLY A 177 -14.30 17.30 21.24
C GLY A 177 -15.76 17.64 21.07
N GLY A 178 -16.08 18.88 21.39
CA GLY A 178 -17.43 19.40 21.25
C GLY A 178 -18.14 19.51 22.59
N SER A 179 -19.46 19.66 22.49
CA SER A 179 -20.30 19.82 23.67
C SER A 179 -21.75 19.62 23.26
N LEU A 180 -22.57 19.24 24.23
CA LEU A 180 -24.01 19.13 24.06
C LEU A 180 -24.73 20.08 25.01
N THR A 181 -25.87 20.61 24.57
CA THR A 181 -26.79 21.31 25.45
C THR A 181 -27.93 20.36 25.79
N ILE A 182 -28.29 20.33 27.08
CA ILE A 182 -29.33 19.44 27.60
C ILE A 182 -30.49 20.29 28.08
N SER A 183 -31.72 19.86 27.80
CA SER A 183 -32.90 20.61 28.22
C SER A 183 -34.04 19.61 28.48
N SER A 184 -35.24 20.13 28.72
CA SER A 184 -36.40 19.29 29.03
C SER A 184 -37.26 18.96 27.81
N ARG B 6 32.87 -11.65 -34.72
CA ARG B 6 31.57 -12.15 -34.25
C ARG B 6 30.78 -11.14 -33.38
N THR B 7 29.63 -10.68 -33.87
CA THR B 7 28.78 -9.76 -33.11
C THR B 7 27.32 -10.21 -33.18
N ALA B 8 26.56 -9.80 -32.15
CA ALA B 8 25.11 -10.01 -32.12
C ALA B 8 24.47 -8.94 -32.99
N SER B 9 23.94 -9.34 -34.15
CA SER B 9 23.46 -8.38 -35.13
C SER B 9 21.93 -8.28 -35.20
N ASP B 10 21.20 -9.25 -34.64
CA ASP B 10 19.75 -9.24 -34.70
C ASP B 10 19.21 -10.15 -33.60
N GLY B 11 17.91 -10.08 -33.39
CA GLY B 11 17.23 -10.82 -32.35
C GLY B 11 16.86 -9.94 -31.18
N SER B 12 16.55 -10.58 -30.05
CA SER B 12 16.19 -9.83 -28.86
C SER B 12 16.22 -10.73 -27.64
N LEU B 13 16.52 -10.12 -26.49
CA LEU B 13 16.29 -10.71 -25.18
C LEU B 13 14.89 -10.32 -24.71
N ASN B 14 14.06 -11.31 -24.40
CA ASN B 14 12.71 -11.11 -23.89
C ASN B 14 12.69 -11.45 -22.40
N TRP B 15 12.48 -10.44 -21.55
CA TRP B 15 12.55 -10.66 -20.10
C TRP B 15 11.88 -9.52 -19.37
N GLY B 16 10.74 -9.80 -18.73
CA GLY B 16 10.00 -8.78 -18.00
C GLY B 16 10.35 -8.65 -16.53
N PHE B 17 11.57 -9.08 -16.16
CA PHE B 17 12.06 -9.12 -14.79
C PHE B 17 11.31 -10.17 -13.97
N ARG B 18 10.09 -9.86 -13.54
CA ARG B 18 9.32 -10.86 -12.82
C ARG B 18 7.83 -10.51 -12.89
N GLN B 19 7.03 -11.50 -13.29
CA GLN B 19 5.60 -11.29 -13.54
C GLN B 19 4.88 -10.71 -12.33
N SER B 20 5.09 -11.28 -11.14
CA SER B 20 4.36 -10.77 -9.98
C SER B 20 4.77 -9.34 -9.65
N PHE B 21 6.00 -8.94 -10.00
CA PHE B 21 6.39 -7.56 -9.73
C PHE B 21 5.69 -6.59 -10.68
N ARG B 22 5.59 -6.94 -11.97
CA ARG B 22 4.87 -6.07 -12.90
C ARG B 22 3.42 -5.86 -12.46
N ASN B 23 2.79 -6.92 -11.94
CA ASN B 23 1.42 -6.79 -11.47
C ASN B 23 1.35 -5.93 -10.22
N TYR B 24 2.26 -6.18 -9.27
CA TYR B 24 2.39 -5.36 -8.08
C TYR B 24 2.45 -3.87 -8.43
N ILE B 25 3.25 -3.54 -9.44
CA ILE B 25 3.41 -2.16 -9.88
C ILE B 25 2.18 -1.69 -10.64
N GLN B 26 1.71 -2.48 -11.59
CA GLN B 26 0.70 -1.94 -12.50
C GLN B 26 -0.71 -2.03 -11.95
N THR B 27 -1.04 -3.10 -11.19
CA THR B 27 -2.39 -3.25 -10.67
C THR B 27 -2.45 -3.55 -9.18
N GLY B 28 -1.31 -3.63 -8.50
CA GLY B 28 -1.27 -3.95 -7.09
C GLY B 28 -1.18 -2.72 -6.22
N VAL B 29 -0.79 -2.94 -4.96
CA VAL B 29 -0.81 -1.88 -3.97
C VAL B 29 0.15 -0.75 -4.34
N ALA B 30 1.15 -1.02 -5.19
CA ALA B 30 2.07 0.03 -5.61
C ALA B 30 1.38 1.09 -6.47
N LYS B 31 0.32 0.72 -7.20
CA LYS B 31 -0.48 1.65 -7.99
C LYS B 31 0.42 2.62 -8.75
N GLY B 32 1.30 2.05 -9.61
CA GLY B 32 2.39 2.77 -10.24
C GLY B 32 2.42 2.58 -11.76
N SER B 33 3.63 2.65 -12.32
CA SER B 33 3.77 2.51 -13.78
C SER B 33 5.13 1.92 -14.14
N ILE B 34 5.21 1.41 -15.37
CA ILE B 34 6.46 0.93 -15.95
C ILE B 34 6.68 1.71 -17.24
N THR B 35 7.80 2.42 -17.34
CA THR B 35 8.14 3.14 -18.56
C THR B 35 9.35 2.51 -19.21
N LEU B 36 9.20 2.08 -20.46
CA LEU B 36 10.31 1.53 -21.23
C LEU B 36 10.96 2.61 -22.07
N GLY B 37 12.29 2.63 -22.10
CA GLY B 37 13.01 3.60 -22.90
C GLY B 37 14.11 2.95 -23.72
N ASP B 38 14.83 3.79 -24.45
CA ASP B 38 16.06 3.40 -25.15
C ASP B 38 15.82 2.18 -26.06
N GLY B 39 14.66 2.13 -26.70
CA GLY B 39 14.36 1.10 -27.68
C GLY B 39 13.77 -0.21 -27.15
N ALA B 40 13.56 -0.34 -25.83
CA ALA B 40 12.89 -1.52 -25.32
C ALA B 40 11.42 -1.52 -25.74
N SER B 41 10.89 -2.72 -25.96
CA SER B 41 9.50 -2.89 -26.41
C SER B 41 8.74 -3.74 -25.41
N ASP B 42 7.45 -3.45 -25.25
CA ASP B 42 6.63 -4.05 -24.19
C ASP B 42 6.55 -5.56 -24.35
N ASN B 43 6.21 -6.03 -25.54
CA ASN B 43 6.13 -7.46 -25.87
C ASN B 43 5.27 -8.22 -24.85
N GLY B 44 4.03 -7.75 -24.70
CA GLY B 44 3.09 -8.37 -23.78
C GLY B 44 3.57 -8.54 -22.36
N GLY B 45 4.58 -7.79 -21.95
CA GLY B 45 5.11 -7.87 -20.59
C GLY B 45 6.43 -8.59 -20.51
N ASN B 46 6.88 -9.21 -21.59
CA ASN B 46 8.19 -9.87 -21.62
C ASN B 46 9.17 -8.97 -22.36
N PHE B 47 9.49 -7.86 -21.69
CA PHE B 47 10.17 -6.72 -22.29
C PHE B 47 11.27 -7.16 -23.25
N ALA B 48 11.22 -6.65 -24.47
CA ALA B 48 12.13 -7.06 -25.54
C ALA B 48 13.26 -6.06 -25.67
N PHE B 49 14.49 -6.56 -25.60
CA PHE B 49 15.70 -5.75 -25.69
C PHE B 49 16.50 -6.25 -26.87
N THR B 50 16.85 -5.34 -27.78
CA THR B 50 17.62 -5.75 -28.94
C THR B 50 19.10 -5.47 -28.73
N PRO B 51 19.97 -6.23 -29.39
CA PRO B 51 21.42 -6.04 -29.18
C PRO B 51 21.89 -4.68 -29.68
N ARG B 52 22.79 -4.07 -28.90
CA ARG B 52 23.42 -2.81 -29.27
C ARG B 52 24.47 -3.09 -30.35
N THR B 53 24.23 -2.60 -31.57
CA THR B 53 25.15 -2.88 -32.67
C THR B 53 26.58 -2.50 -32.29
N ASN B 54 27.52 -3.37 -32.65
CA ASN B 54 28.92 -3.26 -32.22
C ASN B 54 29.02 -3.14 -30.70
N GLY B 55 28.18 -3.91 -30.00
CA GLY B 55 28.16 -3.93 -28.55
C GLY B 55 28.43 -5.33 -28.03
N THR B 56 29.05 -6.15 -28.86
CA THR B 56 29.38 -7.53 -28.52
C THR B 56 30.89 -7.67 -28.37
N THR B 57 31.30 -8.35 -27.30
CA THR B 57 32.70 -8.66 -27.04
C THR B 57 32.83 -10.15 -26.78
N VAL B 58 33.62 -10.84 -27.59
CA VAL B 58 33.80 -12.30 -27.46
C VAL B 58 35.24 -12.56 -27.01
N THR B 59 35.40 -13.33 -25.93
CA THR B 59 36.72 -13.74 -25.46
C THR B 59 37.05 -15.19 -25.75
N SER B 60 36.07 -15.99 -26.15
CA SER B 60 36.17 -17.41 -26.37
C SER B 60 34.85 -17.81 -26.98
N ASP B 61 34.79 -18.99 -27.62
CA ASP B 61 33.53 -19.41 -28.22
C ASP B 61 32.38 -19.38 -27.21
N SER B 62 32.65 -19.79 -25.96
CA SER B 62 31.61 -19.90 -24.96
C SER B 62 31.54 -18.71 -24.01
N GLN B 63 32.35 -17.68 -24.22
CA GLN B 63 32.38 -16.56 -23.29
C GLN B 63 32.43 -15.23 -24.04
N GLY B 64 31.59 -14.31 -23.60
CA GLY B 64 31.51 -12.98 -24.17
C GLY B 64 30.37 -12.20 -23.55
N THR B 65 30.28 -10.92 -23.92
CA THR B 65 29.24 -10.04 -23.41
C THR B 65 28.46 -9.44 -24.57
N VAL B 66 27.15 -9.33 -24.41
CA VAL B 66 26.30 -8.69 -25.41
C VAL B 66 25.58 -7.53 -24.73
N GLU B 67 25.88 -6.30 -25.18
CA GLU B 67 25.20 -5.11 -24.67
C GLU B 67 23.88 -4.94 -25.41
N PHE B 68 22.83 -4.55 -24.69
CA PHE B 68 21.50 -4.39 -25.26
C PHE B 68 21.06 -2.94 -25.18
N ASN B 69 20.19 -2.54 -26.12
CA ASN B 69 19.44 -1.29 -26.00
C ASN B 69 18.26 -1.51 -25.06
N GLY B 70 18.05 -0.58 -24.14
CA GLY B 70 16.82 -0.61 -23.37
C GLY B 70 16.99 -0.09 -21.96
N SER B 71 15.90 0.44 -21.42
CA SER B 71 15.82 0.82 -20.02
C SER B 71 14.42 0.53 -19.51
N VAL B 72 14.33 0.24 -18.23
CA VAL B 72 13.05 -0.02 -17.58
C VAL B 72 12.99 0.90 -16.37
N HIS B 73 11.91 1.66 -16.26
CA HIS B 73 11.71 2.58 -15.15
C HIS B 73 10.44 2.17 -14.39
N PHE B 74 10.61 1.54 -13.22
CA PHE B 74 9.49 1.23 -12.34
C PHE B 74 9.20 2.44 -11.44
N LEU B 75 7.92 2.83 -11.36
CA LEU B 75 7.47 3.84 -10.41
C LEU B 75 6.35 3.26 -9.57
N GLY B 76 6.44 3.43 -8.24
CA GLY B 76 5.41 2.94 -7.34
C GLY B 76 5.27 3.82 -6.10
N HIS B 77 4.10 3.72 -5.48
CA HIS B 77 3.82 4.36 -4.18
C HIS B 77 4.00 5.88 -4.28
N GLN B 78 3.02 6.50 -4.92
CA GLN B 78 3.01 7.94 -5.11
C GLN B 78 2.83 8.68 -3.78
N ALA B 79 3.72 9.64 -3.51
CA ALA B 79 3.59 10.54 -2.37
C ALA B 79 3.67 11.93 -2.95
N GLU B 80 2.51 12.46 -3.36
CA GLU B 80 2.40 13.78 -4.00
C GLU B 80 3.24 13.74 -5.27
N ASP B 81 4.29 14.54 -5.40
CA ASP B 81 5.05 14.60 -6.66
C ASP B 81 6.26 13.67 -6.69
N LYS B 82 6.45 12.85 -5.66
CA LYS B 82 7.51 11.85 -5.63
C LYS B 82 6.90 10.46 -5.69
N TRP B 83 7.74 9.49 -6.08
CA TRP B 83 7.40 8.07 -6.08
C TRP B 83 8.34 7.37 -5.09
N ILE B 84 7.76 6.76 -4.06
CA ILE B 84 8.59 6.18 -3.01
C ILE B 84 9.35 4.98 -3.54
N LEU B 85 8.73 4.21 -4.43
CA LEU B 85 9.45 3.21 -5.21
C LEU B 85 9.80 3.82 -6.56
N ASP B 86 11.09 3.93 -6.85
CA ASP B 86 11.52 4.62 -8.06
C ASP B 86 12.84 4.00 -8.47
N THR B 87 12.78 3.07 -9.43
CA THR B 87 13.92 2.24 -9.82
C THR B 87 14.07 2.23 -11.33
N THR B 88 15.26 2.60 -11.79
CA THR B 88 15.58 2.57 -13.22
C THR B 88 16.65 1.53 -13.49
N MET B 89 16.40 0.66 -14.46
CA MET B 89 17.39 -0.30 -14.95
C MET B 89 17.80 0.07 -16.36
N SER B 90 19.10 0.17 -16.61
CA SER B 90 19.62 0.62 -17.89
C SER B 90 20.97 -0.05 -18.14
N ASP B 91 21.51 0.18 -19.33
CA ASP B 91 22.82 -0.35 -19.71
C ASP B 91 22.85 -1.87 -19.47
N ILE B 92 21.86 -2.54 -20.05
CA ILE B 92 21.63 -3.96 -19.82
C ILE B 92 22.65 -4.76 -20.61
N LYS B 93 23.29 -5.74 -19.95
CA LYS B 93 24.26 -6.61 -20.61
C LYS B 93 23.97 -8.05 -20.23
N MET B 94 24.27 -8.94 -21.15
CA MET B 94 24.25 -10.37 -20.88
C MET B 94 25.67 -10.88 -21.06
N VAL B 95 26.19 -11.52 -20.01
CA VAL B 95 27.56 -12.06 -19.99
C VAL B 95 27.43 -13.58 -20.00
N PHE B 96 28.00 -14.21 -21.02
CA PHE B 96 27.81 -15.64 -21.27
C PHE B 96 28.99 -16.47 -20.79
N ASN B 97 28.68 -17.67 -20.28
CA ASN B 97 29.70 -18.65 -19.91
C ASN B 97 29.10 -20.04 -20.13
N GLY B 98 29.23 -20.56 -21.35
CA GLY B 98 28.62 -21.85 -21.65
C GLY B 98 27.11 -21.84 -21.40
N SER B 99 26.65 -22.74 -20.53
CA SER B 99 25.23 -22.89 -20.22
C SER B 99 24.74 -21.95 -19.14
N SER B 100 25.56 -21.01 -18.70
CA SER B 100 25.09 -20.03 -17.73
C SER B 100 25.38 -18.63 -18.25
N ALA B 101 24.67 -17.66 -17.69
CA ALA B 101 24.84 -16.27 -18.07
C ALA B 101 24.48 -15.38 -16.89
N GLN B 102 24.91 -14.12 -16.97
CA GLN B 102 24.62 -13.10 -15.98
C GLN B 102 23.89 -11.96 -16.66
N LEU B 103 22.84 -11.46 -16.01
CA LEU B 103 22.13 -10.28 -16.44
C LEU B 103 22.68 -9.13 -15.61
N VAL B 104 23.35 -8.20 -16.30
CA VAL B 104 24.07 -7.11 -15.66
C VAL B 104 23.37 -5.81 -16.04
N VAL B 105 23.04 -4.98 -15.04
CA VAL B 105 22.38 -3.71 -15.28
C VAL B 105 23.05 -2.63 -14.43
N ASP B 106 22.86 -1.38 -14.85
CA ASP B 106 23.05 -0.24 -13.95
C ASP B 106 21.70 0.09 -13.31
N LEU B 107 21.73 0.35 -12.01
CA LEU B 107 20.53 0.67 -11.23
C LEU B 107 20.63 2.07 -10.68
N VAL B 108 19.56 2.84 -10.83
CA VAL B 108 19.35 4.05 -10.05
C VAL B 108 18.04 3.84 -9.30
N ALA B 109 18.13 3.58 -8.00
CA ALA B 109 16.98 3.09 -7.23
C ALA B 109 16.89 3.77 -5.88
N ARG B 110 15.70 4.22 -5.50
CA ARG B 110 15.51 4.70 -4.13
C ARG B 110 15.70 3.56 -3.14
N GLU B 111 16.44 3.86 -2.07
CA GLU B 111 16.56 2.93 -0.95
C GLU B 111 15.18 2.62 -0.36
N PHE B 112 14.96 1.35 0.02
CA PHE B 112 13.74 0.96 0.71
C PHE B 112 13.88 1.36 2.18
N LYS B 113 12.93 2.15 2.68
CA LYS B 113 12.99 2.61 4.05
C LYS B 113 11.94 1.98 4.95
N GLY B 114 11.10 1.09 4.42
CA GLY B 114 10.05 0.52 5.24
C GLY B 114 8.70 0.69 4.57
N THR B 115 7.73 -0.13 4.96
CA THR B 115 6.38 -0.01 4.40
C THR B 115 5.62 1.10 5.13
N THR B 116 6.07 2.32 4.90
CA THR B 116 5.36 3.50 5.39
C THR B 116 5.55 4.62 4.36
N TYR B 117 4.56 5.53 4.31
CA TYR B 117 4.66 6.70 3.44
C TYR B 117 5.19 7.94 4.16
N ASP B 118 5.62 7.80 5.42
CA ASP B 118 6.21 8.93 6.13
C ASP B 118 7.72 9.00 5.96
N ASP B 119 8.27 8.30 4.98
CA ASP B 119 9.70 8.29 4.77
C ASP B 119 9.93 7.93 3.31
N ILE B 120 11.03 8.41 2.76
CA ILE B 120 11.36 8.12 1.36
C ILE B 120 12.88 8.00 1.26
N GLY B 121 13.33 7.08 0.44
CA GLY B 121 14.74 6.80 0.37
C GLY B 121 15.46 7.62 -0.70
N GLU B 122 16.74 7.86 -0.46
CA GLU B 122 17.54 8.53 -1.48
C GLU B 122 17.84 7.57 -2.62
N TYR B 123 18.13 8.13 -3.78
CA TYR B 123 18.52 7.31 -4.94
C TYR B 123 19.89 6.70 -4.72
N ILE B 124 19.95 5.37 -4.75
CA ILE B 124 21.22 4.64 -4.70
C ILE B 124 21.62 4.31 -6.13
N ILE B 125 22.81 4.72 -6.52
CA ILE B 125 23.32 4.53 -7.87
C ILE B 125 24.27 3.34 -7.85
N SER B 126 23.87 2.25 -8.49
CA SER B 126 24.61 0.98 -8.49
C SER B 126 24.97 0.62 -9.94
N ASP B 127 26.23 0.89 -10.32
CA ASP B 127 26.73 0.53 -11.63
C ASP B 127 27.10 -0.94 -11.69
N ASP B 128 26.90 -1.54 -12.87
CA ASP B 128 27.42 -2.89 -13.18
C ASP B 128 26.99 -3.94 -12.16
N ILE B 129 25.74 -3.88 -11.71
CA ILE B 129 25.22 -4.85 -10.76
C ILE B 129 24.80 -6.11 -11.50
N VAL B 130 25.21 -7.27 -11.00
CA VAL B 130 24.66 -8.53 -11.48
C VAL B 130 23.31 -8.74 -10.81
N LEU B 131 22.25 -8.54 -11.58
CA LEU B 131 20.88 -8.65 -11.10
C LEU B 131 20.44 -10.11 -10.97
N ALA B 132 20.87 -10.98 -11.89
CA ALA B 132 20.32 -12.32 -11.91
C ALA B 132 21.30 -13.27 -12.59
N ASP B 133 21.32 -14.51 -12.12
CA ASP B 133 22.05 -15.58 -12.78
C ASP B 133 21.11 -16.38 -13.67
N VAL B 134 21.57 -16.70 -14.88
CA VAL B 134 20.75 -17.37 -15.88
C VAL B 134 21.31 -18.78 -16.10
N SER B 135 20.41 -19.77 -16.10
CA SER B 135 20.75 -21.14 -16.47
C SER B 135 20.14 -21.37 -17.84
N LEU B 136 20.97 -21.26 -18.88
CA LEU B 136 20.47 -21.35 -20.26
C LEU B 136 20.07 -22.78 -20.60
N ASN B 137 19.06 -22.91 -21.48
CA ASN B 137 18.66 -24.23 -21.97
C ASN B 137 19.76 -24.89 -22.81
N SER B 138 20.50 -24.10 -23.56
CA SER B 138 21.60 -24.59 -24.36
C SER B 138 22.81 -23.69 -24.15
N ALA B 139 23.99 -24.29 -24.27
CA ALA B 139 25.23 -23.55 -24.14
C ALA B 139 25.34 -22.51 -25.25
N ALA B 140 25.77 -21.31 -24.89
CA ALA B 140 26.05 -20.29 -25.89
C ALA B 140 27.34 -20.60 -26.63
N ASP B 141 27.36 -20.32 -27.94
CA ASP B 141 28.54 -20.59 -28.77
C ASP B 141 28.58 -19.49 -29.84
N PHE B 142 29.46 -18.50 -29.64
CA PHE B 142 29.51 -17.37 -30.55
C PHE B 142 30.04 -17.76 -31.93
N SER B 143 30.69 -18.93 -32.06
CA SER B 143 31.04 -19.44 -33.39
C SER B 143 29.81 -19.86 -34.19
N GLN B 144 28.71 -20.16 -33.53
CA GLN B 144 27.48 -20.52 -34.22
C GLN B 144 26.78 -19.26 -34.73
N ASP B 145 25.66 -19.43 -35.40
CA ASP B 145 24.96 -18.31 -36.03
C ASP B 145 23.79 -17.79 -35.20
N SER B 146 23.42 -18.49 -34.13
CA SER B 146 22.44 -17.98 -33.19
C SER B 146 22.83 -18.41 -31.79
N ILE B 147 22.30 -17.69 -30.80
CA ILE B 147 22.41 -18.10 -29.42
C ILE B 147 21.00 -18.14 -28.86
N ASP B 148 20.59 -19.30 -28.35
CA ASP B 148 19.30 -19.46 -27.71
C ASP B 148 19.38 -18.83 -26.33
N LEU B 149 18.66 -17.72 -26.13
CA LEU B 149 18.67 -16.98 -24.88
C LEU B 149 17.70 -17.54 -23.84
N SER B 150 17.01 -18.63 -24.12
CA SER B 150 16.03 -19.16 -23.19
C SER B 150 16.68 -19.86 -22.01
N GLY B 151 16.16 -19.61 -20.82
CA GLY B 151 16.71 -20.21 -19.62
C GLY B 151 15.93 -19.74 -18.41
N THR B 152 16.32 -20.27 -17.25
CA THR B 152 15.71 -19.87 -15.99
C THR B 152 16.66 -18.91 -15.27
N THR B 153 16.10 -18.12 -14.35
CA THR B 153 16.82 -17.01 -13.75
C THR B 153 16.59 -16.97 -12.25
N ASP B 154 17.66 -16.69 -11.51
CA ASP B 154 17.65 -16.55 -10.05
C ASP B 154 18.20 -15.19 -9.69
N LEU B 155 17.45 -14.46 -8.85
CA LEU B 155 17.86 -13.15 -8.37
C LEU B 155 19.12 -13.22 -7.50
N THR B 156 20.01 -12.25 -7.64
CA THR B 156 21.19 -12.21 -6.79
C THR B 156 20.88 -11.59 -5.42
N ALA B 157 21.80 -11.79 -4.47
CA ALA B 157 21.68 -11.11 -3.18
C ALA B 157 21.63 -9.60 -3.35
N ALA B 158 22.48 -9.03 -4.21
CA ALA B 158 22.45 -7.58 -4.41
C ALA B 158 21.14 -7.15 -5.07
N GLY B 159 20.60 -7.96 -5.96
CA GLY B 159 19.29 -7.65 -6.53
C GLY B 159 18.18 -7.70 -5.50
N ALA B 160 18.23 -8.68 -4.59
CA ALA B 160 17.21 -8.77 -3.55
C ALA B 160 17.24 -7.52 -2.66
N GLN B 161 18.43 -7.06 -2.29
CA GLN B 161 18.55 -5.83 -1.53
C GLN B 161 18.06 -4.61 -2.33
N ALA B 162 18.39 -4.56 -3.62
CA ALA B 162 17.93 -3.43 -4.43
C ALA B 162 16.43 -3.39 -4.58
N PHE B 163 15.75 -4.52 -4.42
CA PHE B 163 14.30 -4.58 -4.48
C PHE B 163 13.67 -4.74 -3.10
N GLY B 164 14.28 -4.11 -2.09
CA GLY B 164 13.66 -3.91 -0.79
C GLY B 164 13.68 -5.08 0.15
N GLY B 165 14.36 -6.18 -0.21
CA GLY B 165 14.38 -7.36 0.64
C GLY B 165 13.08 -8.14 0.65
N PHE B 166 12.16 -7.83 -0.26
CA PHE B 166 10.90 -8.57 -0.34
C PHE B 166 11.11 -9.95 -0.94
N TYR B 167 12.11 -10.10 -1.82
CA TYR B 167 12.52 -11.39 -2.33
C TYR B 167 13.74 -11.91 -1.57
N GLU B 168 13.92 -13.22 -1.60
CA GLU B 168 15.08 -13.88 -1.00
C GLU B 168 16.21 -14.00 -2.02
N THR B 169 17.45 -14.00 -1.53
CA THR B 169 18.57 -14.32 -2.39
C THR B 169 18.29 -15.63 -3.10
N GLY B 170 18.52 -15.65 -4.43
CA GLY B 170 18.33 -16.85 -5.21
C GLY B 170 16.90 -17.08 -5.64
N GLU B 171 15.99 -16.15 -5.35
CA GLU B 171 14.60 -16.26 -5.71
C GLU B 171 14.43 -16.32 -7.23
N ALA B 172 13.48 -17.14 -7.69
CA ALA B 172 13.23 -17.25 -9.12
C ALA B 172 12.61 -15.96 -9.65
N LEU B 173 13.05 -15.56 -10.83
CA LEU B 173 12.47 -14.46 -11.59
C LEU B 173 11.82 -15.04 -12.86
N ASP B 174 11.40 -14.17 -13.76
CA ASP B 174 10.88 -14.66 -15.03
C ASP B 174 11.98 -15.40 -15.79
N PRO B 175 11.63 -16.45 -16.53
CA PRO B 175 12.62 -17.05 -17.43
C PRO B 175 13.00 -16.08 -18.52
N THR B 176 14.25 -16.20 -18.99
CA THR B 176 14.68 -15.45 -20.15
C THR B 176 14.16 -16.13 -21.41
N GLY B 177 13.93 -15.30 -22.43
CA GLY B 177 13.51 -15.80 -23.72
C GLY B 177 14.16 -15.01 -24.84
N GLY B 178 14.07 -15.56 -26.04
CA GLY B 178 14.56 -14.89 -27.22
C GLY B 178 15.74 -15.61 -27.82
N SER B 179 16.35 -14.95 -28.80
CA SER B 179 17.46 -15.50 -29.57
C SER B 179 18.25 -14.34 -30.16
N LEU B 180 19.55 -14.57 -30.32
CA LEU B 180 20.42 -13.61 -31.00
C LEU B 180 20.89 -14.22 -32.30
N THR B 181 21.00 -13.39 -33.34
CA THR B 181 21.68 -13.79 -34.55
C THR B 181 23.09 -13.21 -34.51
N ILE B 182 24.08 -14.07 -34.74
CA ILE B 182 25.49 -13.72 -34.63
C ILE B 182 26.13 -13.82 -36.01
N SER B 183 26.85 -12.78 -36.42
CA SER B 183 27.52 -12.75 -37.72
C SER B 183 28.93 -12.19 -37.58
N SER B 184 29.70 -12.23 -38.67
CA SER B 184 31.11 -11.86 -38.61
C SER B 184 31.34 -10.35 -38.48
CHA HEM C . -1.82 0.46 7.73
CHB HEM C . -6.34 -1.25 8.17
CHC HEM C . -5.95 -3.73 4.01
CHD HEM C . -1.28 -2.40 3.80
C1A HEM C . -3.09 0.24 8.21
C2A HEM C . -3.69 0.85 9.38
C3A HEM C . -4.94 0.39 9.52
C4A HEM C . -5.19 -0.54 8.42
CMA HEM C . -5.92 0.79 10.66
CAA HEM C . -2.98 1.86 10.29
CBA HEM C . -2.91 3.21 9.57
CGA HEM C . -2.32 4.23 10.51
O1A HEM C . -3.09 4.81 11.31
O2A HEM C . -1.07 4.42 10.45
C1B HEM C . -6.62 -2.07 7.11
C2B HEM C . -7.87 -2.80 6.91
C3B HEM C . -7.77 -3.49 5.76
C4B HEM C . -6.45 -3.22 5.19
CMB HEM C . -9.05 -2.71 7.92
CAB HEM C . -8.79 -4.43 5.04
CBB HEM C . -10.01 -4.72 5.49
C1C HEM C . -4.63 -3.62 3.58
C2C HEM C . -4.06 -4.19 2.38
C3C HEM C . -2.77 -3.81 2.32
C4C HEM C . -2.49 -2.99 3.48
CMC HEM C . -4.88 -5.06 1.41
CAC HEM C . -1.71 -4.16 1.24
CBC HEM C . -1.93 -4.95 0.19
C1D HEM C . -1.02 -1.50 4.82
C2D HEM C . 0.25 -0.79 5.06
C3D HEM C . 0.10 -0.01 6.15
C4D HEM C . -1.26 -0.18 6.63
CMD HEM C . 1.53 -0.92 4.21
CAD HEM C . 1.14 0.95 6.79
CBD HEM C . 0.95 2.28 6.06
CGD HEM C . 1.88 3.35 6.57
O1D HEM C . 2.08 4.34 5.83
O2D HEM C . 2.42 3.24 7.71
NA HEM C . -4.04 -0.59 7.65
NB HEM C . -5.78 -2.37 6.03
NC HEM C . -3.65 -2.88 4.20
ND HEM C . -1.89 -1.07 5.80
FE HEM C . -3.94 -1.48 5.76
CHA HEM D . 5.56 -6.11 -2.17
CHB HEM D . 9.64 -3.75 -3.43
CHC HEM D . 8.13 0.24 -1.04
CHD HEM D . 4.28 -2.26 0.49
C1A HEM D . 6.78 -5.82 -2.76
C2A HEM D . 7.60 -6.70 -3.58
C3A HEM D . 8.71 -6.04 -3.94
C4A HEM D . 8.66 -4.72 -3.34
CMA HEM D . 9.84 -6.59 -4.82
CAA HEM D . 7.20 -8.12 -4.03
CBA HEM D . 6.06 -7.99 -5.06
CGA HEM D . 5.71 -9.30 -5.71
O1A HEM D . 4.71 -9.93 -5.29
O2A HEM D . 6.41 -9.72 -6.68
C1B HEM D . 9.59 -2.47 -2.89
C2B HEM D . 10.59 -1.45 -3.05
C3B HEM D . 10.18 -0.34 -2.39
C4B HEM D . 8.90 -0.64 -1.80
CMB HEM D . 11.91 -1.66 -3.85
CAB HEM D . 10.85 1.05 -2.23
CBB HEM D . 12.11 1.37 -2.56
C1C HEM D . 6.94 -0.08 -0.41
C2C HEM D . 6.14 0.80 0.43
C3C HEM D . 5.06 0.12 0.84
C4C HEM D . 5.16 -1.22 0.29
CMC HEM D . 6.56 2.27 0.70
CAC HEM D . 3.89 0.54 1.78
CBC HEM D . 3.89 1.65 2.52
C1D HEM D . 4.32 -3.50 -0.08
C2D HEM D . 3.32 -4.52 0.14
C3D HEM D . 3.66 -5.58 -0.59
C4D HEM D . 4.89 -5.28 -1.30
CMD HEM D . 2.09 -4.37 1.06
CAD HEM D . 2.87 -6.92 -0.69
CBD HEM D . 2.08 -6.82 -1.99
CGD HEM D . 1.23 -8.05 -2.21
O1D HEM D . 1.62 -9.15 -1.75
O2D HEM D . 0.17 -7.92 -2.88
NA HEM D . 7.49 -4.64 -2.63
NB HEM D . 8.57 -1.94 -2.12
NC HEM D . 6.30 -1.30 -0.47
ND HEM D . 5.27 -3.99 -0.96
FE HEM D . 6.78 -2.86 -1.77
#